data_6RYI
#
_entry.id   6RYI
#
_cell.length_a   123.434
_cell.length_b   83.068
_cell.length_c   85.651
_cell.angle_alpha   90.000
_cell.angle_beta   112.950
_cell.angle_gamma   90.000
#
_symmetry.space_group_name_H-M   'C 1 2 1'
#
loop_
_entity.id
_entity.type
_entity.pdbx_description
1 polymer 'Protein WUSCHEL'
2 polymer "DNA (5'-D(P*GP*TP*CP*GP*TP*CP*AP*CP*GP*TP*GP*AP*TP*GP*GP*G)-3')"
3 polymer "DNA (5'-D(P*CP*CP*CP*AP*TP*CP*AP*CP*GP*TP*GP*AP*CP*GP*AP*C)-3')"
#
loop_
_entity_poly.entity_id
_entity_poly.type
_entity_poly.pdbx_seq_one_letter_code
_entity_poly.pdbx_strand_id
1 'polypeptide(L)' GAMGQTSTRWTPTTEQIKILKELYYNNAIRSPTADQIQKITARLRQFGKIEGKNVFYWFQNHKARERQKKRFNGGS A,B,C,D,E
2 'polydeoxyribonucleotide' (DG)(DT)(DC)(DG)(DT)(DC)(DA)(DC)(DG)(DT)(DG)(DA)(DT)(DG)(DG)(DG) F,H
3 'polydeoxyribonucleotide' (DC)(DC)(DC)(DA)(DT)(DC)(DA)(DC)(DG)(DT)(DG)(DA)(DC)(DG)(DA)(DC) G,I
#
loop_
_chem_comp.id
_chem_comp.type
_chem_comp.name
_chem_comp.formula
DA DNA linking 2'-DEOXYADENOSINE-5'-MONOPHOSPHATE 'C10 H14 N5 O6 P'
DC DNA linking 2'-DEOXYCYTIDINE-5'-MONOPHOSPHATE 'C9 H14 N3 O7 P'
DG DNA linking 2'-DEOXYGUANOSINE-5'-MONOPHOSPHATE 'C10 H14 N5 O7 P'
DT DNA linking THYMIDINE-5'-MONOPHOSPHATE 'C10 H15 N2 O8 P'
#
# COMPACT_ATOMS: atom_id res chain seq x y z
N THR A 8 7.04 29.63 8.90
CA THR A 8 7.24 29.61 10.34
C THR A 8 8.72 29.89 10.75
N ARG A 9 9.36 29.00 11.53
CA ARG A 9 10.69 29.28 12.04
C ARG A 9 11.76 29.11 10.97
N TRP A 10 12.80 29.90 11.09
CA TRP A 10 13.92 29.89 10.16
C TRP A 10 14.72 28.59 10.28
N THR A 11 15.18 28.11 9.15
CA THR A 11 16.01 26.91 9.10
C THR A 11 17.23 27.29 8.29
N PRO A 12 18.40 27.33 8.88
CA PRO A 12 19.60 27.76 8.16
C PRO A 12 20.06 26.72 7.14
N THR A 13 20.39 27.18 5.95
CA THR A 13 21.09 26.33 5.01
C THR A 13 22.50 26.03 5.52
N THR A 14 23.08 24.91 5.06
CA THR A 14 24.43 24.58 5.48
C THR A 14 25.44 25.69 5.15
N GLU A 15 25.37 26.29 3.95
CA GLU A 15 26.33 27.34 3.60
C GLU A 15 26.19 28.54 4.51
N GLN A 16 24.97 28.82 4.98
CA GLN A 16 24.83 29.88 5.96
C GLN A 16 25.50 29.49 7.27
N ILE A 17 25.31 28.24 7.70
CA ILE A 17 25.97 27.77 8.92
C ILE A 17 27.48 27.82 8.75
N LYS A 18 27.98 27.57 7.53
CA LYS A 18 29.41 27.73 7.30
C LYS A 18 29.85 29.17 7.56
N ILE A 19 29.05 30.15 7.11
CA ILE A 19 29.41 31.55 7.28
C ILE A 19 29.37 31.94 8.75
N LEU A 20 28.30 31.59 9.46
CA LEU A 20 28.17 32.01 10.84
C LEU A 20 29.30 31.47 11.70
N LYS A 21 29.55 30.16 11.64
CA LYS A 21 30.65 29.60 12.42
C LYS A 21 31.97 30.25 12.03
N GLU A 22 32.13 30.56 10.75
CA GLU A 22 33.35 31.20 10.29
C GLU A 22 33.51 32.59 10.91
N LEU A 23 32.42 33.36 11.04
CA LEU A 23 32.52 34.64 11.73
C LEU A 23 32.74 34.46 13.23
N TYR A 24 32.05 33.51 13.85
CA TYR A 24 32.12 33.34 15.29
C TYR A 24 33.50 32.87 15.73
N TYR A 25 34.00 31.76 15.16
CA TYR A 25 35.27 31.17 15.57
C TYR A 25 36.46 31.85 14.89
N ASN A 26 36.42 31.98 13.57
CA ASN A 26 37.57 32.50 12.84
C ASN A 26 37.75 34.02 12.96
N ASN A 27 36.69 34.76 13.27
CA ASN A 27 36.77 36.21 13.39
C ASN A 27 36.42 36.67 14.79
N ALA A 28 36.12 35.75 15.70
CA ALA A 28 35.82 36.08 17.08
C ALA A 28 34.68 37.09 17.20
N ILE A 29 33.72 37.06 16.29
CA ILE A 29 32.50 37.83 16.43
C ILE A 29 31.48 37.01 17.20
N ARG A 30 31.11 37.47 18.40
CA ARG A 30 30.26 36.69 19.30
C ARG A 30 29.03 37.45 19.79
N SER A 31 29.12 38.77 19.88
CA SER A 31 27.98 39.65 20.16
C SER A 31 28.02 40.74 19.12
N PRO A 32 27.69 40.41 17.87
CA PRO A 32 27.89 41.39 16.79
C PRO A 32 27.04 42.64 17.00
N THR A 33 27.62 43.79 16.63
CA THR A 33 26.91 45.06 16.71
C THR A 33 25.85 45.16 15.61
N ALA A 34 25.05 46.23 15.70
CA ALA A 34 23.95 46.36 14.76
C ALA A 34 24.45 46.46 13.32
N ASP A 35 25.44 47.32 13.06
CA ASP A 35 25.98 47.41 11.71
C ASP A 35 26.42 46.03 11.23
N GLN A 36 27.12 45.29 12.10
CA GLN A 36 27.54 43.96 11.71
C GLN A 36 26.37 43.03 11.46
N ILE A 37 25.31 43.11 12.28
CA ILE A 37 24.16 42.26 12.04
C ILE A 37 23.60 42.52 10.65
N GLN A 38 23.46 43.80 10.28
CA GLN A 38 22.91 44.10 8.97
C GLN A 38 23.82 43.56 7.87
N LYS A 39 25.12 43.83 7.96
CA LYS A 39 26.06 43.32 6.96
C LYS A 39 26.01 41.78 6.87
N ILE A 40 25.95 41.10 8.01
CA ILE A 40 25.93 39.63 7.99
C ILE A 40 24.64 39.13 7.32
N THR A 41 23.51 39.72 7.70
CA THR A 41 22.25 39.32 7.08
C THR A 41 22.30 39.49 5.56
N ALA A 42 22.73 40.66 5.08
CA ALA A 42 22.86 40.84 3.64
C ALA A 42 23.62 39.68 2.98
N ARG A 43 24.77 39.31 3.55
CA ARG A 43 25.58 38.22 3.00
C ARG A 43 24.82 36.91 3.03
N LEU A 44 24.15 36.61 4.15
CA LEU A 44 23.47 35.32 4.26
C LEU A 44 22.24 35.26 3.37
N ARG A 45 21.63 36.42 3.04
CA ARG A 45 20.44 36.39 2.22
C ARG A 45 20.72 35.80 0.85
N GLN A 46 21.98 35.82 0.41
CA GLN A 46 22.34 35.20 -0.84
C GLN A 46 21.91 33.73 -0.88
N PHE A 47 21.81 33.09 0.29
CA PHE A 47 21.53 31.66 0.36
C PHE A 47 20.15 31.33 0.92
N GLY A 48 19.31 32.31 1.21
CA GLY A 48 18.00 32.02 1.74
C GLY A 48 17.26 33.23 2.27
N LYS A 49 15.97 33.08 2.48
CA LYS A 49 15.23 34.10 3.21
C LYS A 49 15.83 34.22 4.60
N ILE A 50 16.03 35.46 5.06
CA ILE A 50 16.75 35.72 6.32
C ILE A 50 16.50 37.14 6.79
N GLU A 51 16.31 37.30 8.10
CA GLU A 51 16.07 38.58 8.77
C GLU A 51 17.13 38.81 9.83
N GLY A 52 17.39 40.09 10.12
CA GLY A 52 18.36 40.43 11.14
C GLY A 52 18.12 39.71 12.45
N LYS A 53 16.85 39.64 12.88
CA LYS A 53 16.56 38.95 14.14
C LYS A 53 17.00 37.49 14.12
N ASN A 54 17.01 36.83 12.96
CA ASN A 54 17.55 35.46 12.94
C ASN A 54 19.02 35.46 13.34
N VAL A 55 19.81 36.35 12.72
CA VAL A 55 21.24 36.39 12.98
C VAL A 55 21.51 36.78 14.42
N PHE A 56 20.70 37.69 14.95
CA PHE A 56 20.84 38.07 16.34
C PHE A 56 20.66 36.89 17.26
N TYR A 57 19.54 36.18 17.11
CA TYR A 57 19.28 35.01 17.94
C TYR A 57 20.34 33.96 17.74
N TRP A 58 20.89 33.85 16.51
CA TRP A 58 21.85 32.80 16.27
C TRP A 58 23.08 32.98 17.12
N PHE A 59 23.62 34.20 17.15
CA PHE A 59 24.80 34.45 17.94
C PHE A 59 24.46 34.36 19.42
N GLN A 60 23.31 34.90 19.80
CA GLN A 60 22.91 34.82 21.20
C GLN A 60 22.83 33.36 21.63
N ASN A 61 22.25 32.51 20.77
CA ASN A 61 22.09 31.10 21.12
C ASN A 61 23.42 30.35 21.08
N HIS A 62 24.23 30.61 20.06
CA HIS A 62 25.47 29.85 19.94
C HIS A 62 26.44 30.22 21.06
N LYS A 63 26.54 31.51 21.36
CA LYS A 63 27.40 31.95 22.45
C LYS A 63 26.98 31.28 23.76
N ALA A 64 25.68 31.30 24.05
CA ALA A 64 25.21 30.80 25.35
C ALA A 64 25.52 29.33 25.52
N ARG A 65 25.34 28.52 24.46
CA ARG A 65 25.37 27.06 24.57
C ARG A 65 26.75 26.46 24.34
N GLU A 66 27.67 27.22 23.74
CA GLU A 66 29.05 26.79 23.59
C GLU A 66 29.68 26.51 24.94
N THR B 8 27.75 10.56 16.93
CA THR B 8 26.38 10.83 17.35
C THR B 8 25.37 10.68 16.20
N ARG B 9 24.55 11.70 15.96
CA ARG B 9 23.40 11.61 15.06
C ARG B 9 23.64 12.28 13.72
N TRP B 10 23.08 11.70 12.66
CA TRP B 10 23.28 12.24 11.32
C TRP B 10 22.52 13.54 11.09
N THR B 11 23.17 14.49 10.40
CA THR B 11 22.54 15.75 10.03
C THR B 11 22.76 15.97 8.53
N PRO B 12 21.69 15.96 7.73
CA PRO B 12 21.86 16.08 6.28
C PRO B 12 22.24 17.48 5.83
N THR B 13 23.18 17.56 4.88
CA THR B 13 23.43 18.85 4.24
C THR B 13 22.15 19.26 3.54
N THR B 14 21.96 20.57 3.37
CA THR B 14 20.82 20.98 2.56
C THR B 14 20.95 20.38 1.17
N GLU B 15 22.16 20.41 0.61
CA GLU B 15 22.42 19.72 -0.66
C GLU B 15 21.97 18.26 -0.62
N GLN B 16 22.22 17.54 0.47
CA GLN B 16 21.70 16.19 0.52
C GLN B 16 20.19 16.18 0.52
N ILE B 17 19.58 17.12 1.24
CA ILE B 17 18.11 17.17 1.27
C ILE B 17 17.55 17.39 -0.14
N LYS B 18 18.17 18.28 -0.91
CA LYS B 18 17.76 18.48 -2.30
C LYS B 18 17.72 17.16 -3.08
N ILE B 19 18.73 16.30 -2.88
CA ILE B 19 18.76 15.03 -3.59
C ILE B 19 17.62 14.12 -3.11
N LEU B 20 17.50 13.97 -1.80
CA LEU B 20 16.44 13.11 -1.26
C LEU B 20 15.07 13.60 -1.72
N LYS B 21 14.80 14.89 -1.56
CA LYS B 21 13.52 15.46 -1.94
C LYS B 21 13.23 15.25 -3.42
N GLU B 22 14.27 15.33 -4.27
CA GLU B 22 14.08 15.10 -5.70
C GLU B 22 13.69 13.66 -5.96
N LEU B 23 14.30 12.71 -5.26
CA LEU B 23 13.91 11.32 -5.42
C LEU B 23 12.50 11.08 -4.93
N TYR B 24 12.17 11.62 -3.76
CA TYR B 24 10.89 11.32 -3.16
C TYR B 24 9.75 11.93 -3.97
N TYR B 25 9.82 13.24 -4.23
CA TYR B 25 8.71 13.90 -4.92
C TYR B 25 8.80 13.75 -6.43
N ASN B 26 9.95 14.07 -7.05
CA ASN B 26 10.02 14.02 -8.51
C ASN B 26 10.03 12.61 -9.06
N ASN B 27 10.44 11.63 -8.27
CA ASN B 27 10.58 10.27 -8.73
C ASN B 27 9.74 9.27 -7.96
N ALA B 28 8.93 9.72 -7.00
CA ALA B 28 8.02 8.81 -6.28
C ALA B 28 8.76 7.64 -5.62
N ILE B 29 9.99 7.88 -5.17
CA ILE B 29 10.73 6.87 -4.43
C ILE B 29 10.32 7.05 -2.97
N ARG B 30 9.58 6.10 -2.43
CA ARG B 30 9.10 6.19 -1.06
C ARG B 30 9.59 5.08 -0.15
N SER B 31 9.84 3.88 -0.65
CA SER B 31 10.31 2.76 0.15
C SER B 31 11.45 2.11 -0.60
N PRO B 32 12.58 2.79 -0.68
CA PRO B 32 13.65 2.34 -1.58
C PRO B 32 14.10 0.95 -1.21
N THR B 33 14.43 0.17 -2.23
CA THR B 33 14.93 -1.18 -2.03
C THR B 33 16.37 -1.10 -1.53
N ALA B 34 16.92 -2.26 -1.17
CA ALA B 34 18.29 -2.28 -0.65
C ALA B 34 19.25 -1.74 -1.69
N ASP B 35 19.13 -2.21 -2.94
CA ASP B 35 20.00 -1.71 -4.01
C ASP B 35 19.92 -0.20 -4.11
N GLN B 36 18.70 0.33 -4.05
CA GLN B 36 18.54 1.77 -4.17
C GLN B 36 19.18 2.49 -2.98
N ILE B 37 19.04 1.93 -1.78
CA ILE B 37 19.64 2.59 -0.63
C ILE B 37 21.14 2.72 -0.81
N GLN B 38 21.78 1.66 -1.31
CA GLN B 38 23.23 1.73 -1.49
C GLN B 38 23.60 2.73 -2.57
N LYS B 39 22.89 2.75 -3.71
CA LYS B 39 23.21 3.75 -4.73
C LYS B 39 22.92 5.16 -4.24
N ILE B 40 21.78 5.36 -3.57
CA ILE B 40 21.47 6.69 -3.03
C ILE B 40 22.52 7.10 -2.03
N THR B 41 22.93 6.18 -1.15
CA THR B 41 23.98 6.50 -0.18
C THR B 41 25.25 6.95 -0.88
N ALA B 42 25.71 6.19 -1.86
CA ALA B 42 26.88 6.65 -2.61
C ALA B 42 26.71 8.11 -3.06
N ARG B 43 25.56 8.43 -3.65
CA ARG B 43 25.31 9.80 -4.13
C ARG B 43 25.41 10.81 -2.99
N LEU B 44 24.82 10.50 -1.83
CA LEU B 44 24.82 11.48 -0.76
C LEU B 44 26.18 11.65 -0.11
N ARG B 45 27.04 10.62 -0.16
CA ARG B 45 28.32 10.68 0.55
C ARG B 45 29.22 11.80 0.04
N GLN B 46 28.99 12.25 -1.19
CA GLN B 46 29.78 13.37 -1.72
C GLN B 46 29.69 14.62 -0.85
N PHE B 47 28.59 14.77 -0.10
CA PHE B 47 28.30 15.98 0.66
C PHE B 47 28.37 15.76 2.17
N GLY B 48 28.79 14.60 2.64
CA GLY B 48 28.87 14.39 4.08
C GLY B 48 29.08 12.94 4.40
N LYS B 49 29.32 12.68 5.68
CA LYS B 49 29.37 11.31 6.15
C LYS B 49 27.95 10.80 6.18
N ILE B 50 27.75 9.56 5.75
CA ILE B 50 26.41 8.99 5.67
C ILE B 50 26.52 7.49 5.53
N GLU B 51 25.62 6.78 6.23
CA GLU B 51 25.49 5.33 6.19
C GLU B 51 24.21 4.94 5.45
N GLY B 52 24.11 3.64 5.13
CA GLY B 52 22.87 3.13 4.61
C GLY B 52 21.69 3.43 5.52
N LYS B 53 21.84 3.16 6.82
CA LYS B 53 20.69 3.30 7.72
C LYS B 53 20.18 4.74 7.75
N ASN B 54 21.06 5.74 7.57
CA ASN B 54 20.57 7.13 7.55
C ASN B 54 19.56 7.31 6.44
N VAL B 55 19.88 6.83 5.24
CA VAL B 55 18.97 6.95 4.11
C VAL B 55 17.73 6.11 4.36
N PHE B 56 17.92 4.93 4.94
CA PHE B 56 16.79 4.06 5.23
C PHE B 56 15.81 4.74 6.17
N TYR B 57 16.29 5.23 7.31
CA TYR B 57 15.39 5.90 8.26
C TYR B 57 14.72 7.13 7.64
N TRP B 58 15.42 7.85 6.76
CA TRP B 58 14.91 9.10 6.23
C TRP B 58 13.65 8.89 5.41
N PHE B 59 13.66 7.88 4.54
CA PHE B 59 12.47 7.63 3.74
C PHE B 59 11.34 7.14 4.62
N GLN B 60 11.66 6.26 5.57
CA GLN B 60 10.66 5.77 6.51
C GLN B 60 10.02 6.92 7.30
N ASN B 61 10.85 7.84 7.79
CA ASN B 61 10.28 8.95 8.58
C ASN B 61 9.54 9.95 7.69
N HIS B 62 10.07 10.27 6.51
CA HIS B 62 9.41 11.28 5.70
C HIS B 62 8.09 10.75 5.15
N LYS B 63 8.06 9.48 4.73
CA LYS B 63 6.82 8.82 4.36
C LYS B 63 5.80 8.89 5.48
N ALA B 64 6.23 8.52 6.69
CA ALA B 64 5.32 8.47 7.83
C ALA B 64 4.72 9.82 8.16
N ARG B 65 5.35 10.91 7.71
CA ARG B 65 4.97 12.23 8.17
C ARG B 65 4.24 13.07 7.14
N GLU B 66 4.52 12.90 5.84
CA GLU B 66 3.90 13.66 4.74
C GLU B 66 2.37 13.78 4.85
N THR C 8 -8.68 -32.14 5.71
CA THR C 8 -9.77 -31.17 5.53
C THR C 8 -9.26 -29.72 5.78
N ARG C 9 -9.38 -29.22 7.00
CA ARG C 9 -8.99 -27.85 7.33
C ARG C 9 -7.70 -27.84 8.15
N TRP C 10 -6.79 -26.92 7.82
CA TRP C 10 -5.56 -26.82 8.59
C TRP C 10 -5.80 -26.07 9.89
N THR C 11 -5.21 -26.57 10.97
CA THR C 11 -5.30 -25.90 12.26
C THR C 11 -3.90 -25.65 12.76
N PRO C 12 -3.45 -24.41 12.85
CA PRO C 12 -2.08 -24.16 13.29
C PRO C 12 -1.99 -24.47 14.78
N THR C 13 -0.98 -25.26 15.14
CA THR C 13 -0.63 -25.46 16.53
C THR C 13 -0.01 -24.20 17.12
N THR C 14 -0.09 -24.11 18.44
CA THR C 14 0.51 -22.97 19.15
C THR C 14 1.99 -22.80 18.79
N GLU C 15 2.74 -23.90 18.70
CA GLU C 15 4.15 -23.80 18.32
C GLU C 15 4.30 -23.23 16.91
N GLN C 16 3.53 -23.74 15.96
CA GLN C 16 3.59 -23.25 14.58
C GLN C 16 3.23 -21.77 14.51
N ILE C 17 2.25 -21.33 15.32
CA ILE C 17 1.91 -19.91 15.34
C ILE C 17 3.14 -19.11 15.73
N LYS C 18 3.89 -19.58 16.73
CA LYS C 18 5.05 -18.85 17.20
C LYS C 18 6.15 -18.78 16.16
N ILE C 19 6.35 -19.84 15.38
CA ILE C 19 7.37 -19.80 14.34
C ILE C 19 6.95 -18.80 13.27
N LEU C 20 5.69 -18.89 12.84
CA LEU C 20 5.19 -17.99 11.81
C LEU C 20 5.30 -16.53 12.26
N LYS C 21 4.84 -16.23 13.48
CA LYS C 21 4.96 -14.87 13.97
C LYS C 21 6.42 -14.43 14.07
N GLU C 22 7.32 -15.32 14.48
CA GLU C 22 8.73 -14.90 14.55
C GLU C 22 9.29 -14.60 13.17
N LEU C 23 8.98 -15.43 12.18
CA LEU C 23 9.46 -15.15 10.83
C LEU C 23 8.92 -13.83 10.31
N TYR C 24 7.66 -13.55 10.62
CA TYR C 24 6.99 -12.38 10.07
C TYR C 24 7.55 -11.10 10.67
N TYR C 25 7.57 -11.01 12.00
CA TYR C 25 8.00 -9.79 12.68
C TYR C 25 9.52 -9.74 12.82
N ASN C 26 10.12 -10.78 13.40
CA ASN C 26 11.54 -10.78 13.73
C ASN C 26 12.43 -10.85 12.51
N ASN C 27 11.93 -11.35 11.39
CA ASN C 27 12.78 -11.54 10.23
C ASN C 27 12.27 -10.77 9.03
N ALA C 28 11.19 -10.01 9.18
CA ALA C 28 10.65 -9.19 8.11
C ALA C 28 10.36 -10.00 6.86
N ILE C 29 9.97 -11.26 7.08
CA ILE C 29 9.44 -12.10 6.01
C ILE C 29 7.93 -11.87 6.00
N ARG C 30 7.45 -11.09 5.03
CA ARG C 30 6.03 -10.77 4.99
C ARG C 30 5.36 -11.20 3.71
N SER C 31 6.10 -11.28 2.61
CA SER C 31 5.61 -11.80 1.35
C SER C 31 6.55 -12.91 0.88
N PRO C 32 6.58 -14.04 1.60
CA PRO C 32 7.58 -15.06 1.30
C PRO C 32 7.45 -15.61 -0.11
N THR C 33 8.59 -15.90 -0.72
CA THR C 33 8.64 -16.48 -2.05
C THR C 33 8.24 -17.94 -2.01
N ALA C 34 8.18 -18.57 -3.19
CA ALA C 34 7.86 -19.99 -3.25
C ALA C 34 8.88 -20.82 -2.48
N ASP C 35 10.17 -20.61 -2.76
CA ASP C 35 11.21 -21.34 -2.02
C ASP C 35 11.08 -21.10 -0.53
N GLN C 36 10.84 -19.86 -0.14
CA GLN C 36 10.75 -19.60 1.29
C GLN C 36 9.55 -20.33 1.89
N ILE C 37 8.44 -20.38 1.17
CA ILE C 37 7.29 -21.11 1.69
C ILE C 37 7.64 -22.59 1.84
N GLN C 38 8.30 -23.17 0.84
CA GLN C 38 8.71 -24.56 0.93
C GLN C 38 9.60 -24.80 2.15
N LYS C 39 10.56 -23.91 2.41
CA LYS C 39 11.41 -24.13 3.56
C LYS C 39 10.60 -24.02 4.86
N ILE C 40 9.70 -23.04 4.94
CA ILE C 40 8.92 -22.86 6.16
C ILE C 40 8.00 -24.06 6.39
N THR C 41 7.36 -24.54 5.33
CA THR C 41 6.48 -25.68 5.50
C THR C 41 7.23 -26.86 6.10
N ALA C 42 8.35 -27.23 5.49
CA ALA C 42 9.15 -28.37 5.95
C ALA C 42 9.43 -28.30 7.45
N ARG C 43 9.87 -27.13 7.94
CA ARG C 43 10.14 -26.95 9.37
C ARG C 43 8.90 -27.19 10.22
N LEU C 44 7.75 -26.67 9.77
CA LEU C 44 6.52 -26.74 10.55
C LEU C 44 5.97 -28.17 10.66
N ARG C 45 6.36 -29.09 9.76
CA ARG C 45 5.88 -30.47 9.80
C ARG C 45 6.24 -31.17 11.11
N GLN C 46 7.21 -30.65 11.85
CA GLN C 46 7.54 -31.19 13.16
C GLN C 46 6.33 -31.22 14.09
N PHE C 47 5.39 -30.28 13.94
CA PHE C 47 4.32 -30.12 14.91
C PHE C 47 2.97 -30.55 14.37
N GLY C 48 2.91 -31.05 13.16
CA GLY C 48 1.66 -31.54 12.61
C GLY C 48 1.80 -31.70 11.11
N LYS C 49 0.74 -32.22 10.52
CA LYS C 49 0.66 -32.20 9.06
C LYS C 49 0.42 -30.78 8.56
N ILE C 50 0.82 -30.54 7.31
CA ILE C 50 0.84 -29.20 6.75
C ILE C 50 1.38 -29.24 5.32
N GLU C 51 0.72 -28.51 4.43
CA GLU C 51 1.11 -28.37 3.04
C GLU C 51 1.53 -26.92 2.81
N GLY C 52 2.22 -26.67 1.69
CA GLY C 52 2.70 -25.33 1.43
C GLY C 52 1.59 -24.29 1.42
N LYS C 53 0.46 -24.61 0.82
CA LYS C 53 -0.56 -23.58 0.63
C LYS C 53 -1.15 -23.13 1.96
N ASN C 54 -1.15 -24.00 2.97
CA ASN C 54 -1.52 -23.55 4.32
C ASN C 54 -0.66 -22.36 4.73
N VAL C 55 0.66 -22.47 4.51
CA VAL C 55 1.58 -21.39 4.84
C VAL C 55 1.37 -20.22 3.91
N PHE C 56 1.09 -20.50 2.64
CA PHE C 56 0.83 -19.42 1.70
C PHE C 56 -0.36 -18.60 2.17
N TYR C 57 -1.46 -19.27 2.48
CA TYR C 57 -2.63 -18.59 2.99
C TYR C 57 -2.38 -17.94 4.36
N TRP C 58 -1.50 -18.52 5.17
CA TRP C 58 -1.34 -17.94 6.49
C TRP C 58 -0.78 -16.53 6.40
N PHE C 59 0.20 -16.31 5.53
CA PHE C 59 0.77 -14.98 5.38
C PHE C 59 -0.23 -14.01 4.77
N GLN C 60 -0.98 -14.43 3.76
CA GLN C 60 -1.96 -13.54 3.18
C GLN C 60 -2.95 -13.10 4.23
N ASN C 61 -3.38 -14.04 5.05
CA ASN C 61 -4.39 -13.74 6.06
C ASN C 61 -3.82 -12.90 7.19
N HIS C 62 -2.59 -13.19 7.63
CA HIS C 62 -2.09 -12.45 8.76
C HIS C 62 -1.94 -10.99 8.43
N LYS C 63 -1.52 -10.69 7.21
CA LYS C 63 -1.41 -9.29 6.82
C LYS C 63 -2.76 -8.63 6.56
N ALA C 64 -3.84 -9.41 6.46
CA ALA C 64 -5.19 -8.85 6.48
C ALA C 64 -5.67 -8.58 7.89
N ARG C 65 -5.39 -9.49 8.83
CA ARG C 65 -5.72 -9.26 10.24
C ARG C 65 -5.14 -7.95 10.73
N GLU C 66 -4.01 -7.55 10.16
CA GLU C 66 -3.33 -6.36 10.64
C GLU C 66 -4.12 -5.08 10.36
N ARG C 67 -4.83 -5.06 9.25
CA ARG C 67 -5.63 -3.93 8.88
C ARG C 67 -7.01 -4.02 9.52
N THR D 8 -16.09 -27.87 -4.54
CA THR D 8 -15.33 -26.70 -4.12
C THR D 8 -16.21 -25.63 -3.48
N ARG D 9 -16.15 -24.40 -3.99
CA ARG D 9 -16.81 -23.26 -3.38
C ARG D 9 -17.98 -22.73 -4.21
N TRP D 10 -19.05 -22.34 -3.53
CA TRP D 10 -20.21 -21.74 -4.18
C TRP D 10 -19.92 -20.30 -4.61
N THR D 11 -20.42 -19.94 -5.80
CA THR D 11 -20.27 -18.60 -6.35
C THR D 11 -21.66 -18.07 -6.71
N PRO D 12 -22.14 -17.03 -6.05
CA PRO D 12 -23.47 -16.51 -6.35
C PRO D 12 -23.45 -15.75 -7.67
N THR D 13 -24.45 -15.98 -8.52
CA THR D 13 -24.57 -15.11 -9.68
C THR D 13 -24.97 -13.70 -9.24
N THR D 14 -24.62 -12.73 -10.09
CA THR D 14 -24.95 -11.33 -9.86
C THR D 14 -26.43 -11.13 -9.57
N GLU D 15 -27.30 -11.96 -10.16
CA GLU D 15 -28.71 -11.87 -9.85
C GLU D 15 -29.01 -12.45 -8.47
N GLN D 16 -28.33 -13.54 -8.10
CA GLN D 16 -28.53 -14.08 -6.76
C GLN D 16 -28.16 -13.07 -5.69
N ILE D 17 -27.08 -12.31 -5.91
CA ILE D 17 -26.67 -11.28 -4.95
C ILE D 17 -27.77 -10.23 -4.78
N LYS D 18 -28.31 -9.74 -5.89
CA LYS D 18 -29.36 -8.71 -5.79
C LYS D 18 -30.52 -9.19 -4.93
N ILE D 19 -30.83 -10.49 -4.97
CA ILE D 19 -31.95 -11.00 -4.19
C ILE D 19 -31.58 -11.06 -2.71
N LEU D 20 -30.39 -11.59 -2.41
CA LEU D 20 -29.98 -11.74 -1.02
C LEU D 20 -29.93 -10.39 -0.31
N LYS D 21 -29.24 -9.41 -0.90
CA LYS D 21 -29.18 -8.08 -0.32
C LYS D 21 -30.58 -7.48 -0.22
N GLU D 22 -31.40 -7.71 -1.24
CA GLU D 22 -32.77 -7.20 -1.19
C GLU D 22 -33.54 -7.87 -0.06
N LEU D 23 -33.32 -9.16 0.17
CA LEU D 23 -33.90 -9.83 1.33
C LEU D 23 -33.33 -9.28 2.62
N TYR D 24 -32.00 -9.11 2.68
CA TYR D 24 -31.34 -8.74 3.92
C TYR D 24 -31.69 -7.31 4.34
N TYR D 25 -31.48 -6.35 3.44
CA TYR D 25 -31.67 -4.93 3.79
C TYR D 25 -33.16 -4.54 3.70
N ASN D 26 -33.82 -4.83 2.58
CA ASN D 26 -35.20 -4.39 2.42
C ASN D 26 -36.19 -5.17 3.27
N ASN D 27 -35.86 -6.39 3.70
CA ASN D 27 -36.81 -7.20 4.47
C ASN D 27 -36.38 -7.50 5.89
N ALA D 28 -35.22 -6.98 6.35
CA ALA D 28 -34.76 -7.14 7.74
C ALA D 28 -34.62 -8.60 8.12
N ILE D 29 -34.27 -9.44 7.15
CA ILE D 29 -34.03 -10.85 7.36
C ILE D 29 -32.57 -11.02 7.76
N ARG D 30 -32.32 -11.41 9.01
CA ARG D 30 -30.98 -11.59 9.55
C ARG D 30 -30.65 -13.04 9.90
N SER D 31 -31.61 -13.78 10.45
CA SER D 31 -31.38 -15.15 10.93
C SER D 31 -32.51 -16.02 10.40
N PRO D 32 -32.53 -16.30 9.10
CA PRO D 32 -33.68 -16.98 8.51
C PRO D 32 -33.88 -18.38 9.09
N THR D 33 -35.15 -18.74 9.27
CA THR D 33 -35.53 -20.08 9.70
C THR D 33 -35.43 -21.04 8.53
N ALA D 34 -35.67 -22.32 8.82
CA ALA D 34 -35.50 -23.35 7.80
C ALA D 34 -36.44 -23.11 6.62
N ASP D 35 -37.72 -22.87 6.89
CA ASP D 35 -38.67 -22.67 5.80
C ASP D 35 -38.26 -21.53 4.89
N GLN D 36 -37.86 -20.40 5.48
CA GLN D 36 -37.37 -19.30 4.66
C GLN D 36 -36.11 -19.70 3.92
N ILE D 37 -35.23 -20.44 4.59
CA ILE D 37 -34.03 -20.92 3.92
C ILE D 37 -34.41 -21.73 2.70
N GLN D 38 -35.47 -22.54 2.80
CA GLN D 38 -35.88 -23.35 1.67
C GLN D 38 -36.68 -22.53 0.65
N LYS D 39 -37.48 -21.57 1.12
CA LYS D 39 -38.18 -20.70 0.18
C LYS D 39 -37.17 -19.85 -0.61
N ILE D 40 -36.15 -19.36 0.07
CA ILE D 40 -35.12 -18.58 -0.59
C ILE D 40 -34.35 -19.44 -1.59
N THR D 41 -33.96 -20.64 -1.18
CA THR D 41 -33.15 -21.53 -2.02
C THR D 41 -33.83 -21.80 -3.36
N ALA D 42 -35.09 -22.21 -3.33
CA ALA D 42 -35.83 -22.47 -4.57
C ALA D 42 -35.72 -21.29 -5.53
N ARG D 43 -35.96 -20.08 -5.04
CA ARG D 43 -35.92 -18.91 -5.91
C ARG D 43 -34.53 -18.73 -6.52
N LEU D 44 -33.48 -18.88 -5.71
CA LEU D 44 -32.12 -18.64 -6.20
C LEU D 44 -31.69 -19.73 -7.17
N ARG D 45 -32.24 -20.95 -7.05
CA ARG D 45 -31.88 -22.04 -7.95
C ARG D 45 -32.27 -21.74 -9.39
N GLN D 46 -33.17 -20.77 -9.61
CA GLN D 46 -33.49 -20.36 -10.98
C GLN D 46 -32.25 -19.88 -11.73
N PHE D 47 -31.23 -19.38 -11.03
CA PHE D 47 -30.09 -18.76 -11.69
C PHE D 47 -28.79 -19.55 -11.57
N GLY D 48 -28.78 -20.67 -10.87
CA GLY D 48 -27.56 -21.45 -10.71
C GLY D 48 -27.74 -22.46 -9.61
N LYS D 49 -26.74 -23.33 -9.48
CA LYS D 49 -26.79 -24.36 -8.44
C LYS D 49 -26.66 -23.73 -7.07
N ILE D 50 -27.32 -24.34 -6.08
CA ILE D 50 -27.38 -23.77 -4.74
C ILE D 50 -28.06 -24.72 -3.75
N GLU D 51 -27.60 -24.75 -2.51
CA GLU D 51 -28.13 -25.62 -1.46
C GLU D 51 -28.63 -24.76 -0.30
N GLY D 52 -29.20 -25.44 0.70
CA GLY D 52 -29.68 -24.72 1.87
C GLY D 52 -28.54 -24.20 2.72
N LYS D 53 -27.42 -24.92 2.77
CA LYS D 53 -26.32 -24.46 3.60
C LYS D 53 -25.72 -23.16 3.05
N ASN D 54 -25.72 -22.98 1.73
CA ASN D 54 -25.16 -21.76 1.14
C ASN D 54 -25.87 -20.52 1.64
N VAL D 55 -27.21 -20.52 1.59
CA VAL D 55 -27.93 -19.34 2.06
C VAL D 55 -27.79 -19.20 3.56
N PHE D 56 -27.73 -20.32 4.28
CA PHE D 56 -27.50 -20.26 5.72
C PHE D 56 -26.17 -19.56 6.02
N TYR D 57 -25.10 -20.03 5.38
CA TYR D 57 -23.78 -19.42 5.56
C TYR D 57 -23.78 -17.97 5.11
N TRP D 58 -24.54 -17.63 4.06
CA TRP D 58 -24.46 -16.28 3.52
C TRP D 58 -24.96 -15.25 4.53
N PHE D 59 -26.12 -15.50 5.14
CA PHE D 59 -26.69 -14.54 6.10
C PHE D 59 -25.88 -14.49 7.38
N GLN D 60 -25.44 -15.64 7.88
CA GLN D 60 -24.60 -15.68 9.06
C GLN D 60 -23.35 -14.83 8.86
N ASN D 61 -22.74 -14.96 7.67
CA ASN D 61 -21.52 -14.23 7.35
C ASN D 61 -21.81 -12.77 7.05
N HIS D 62 -22.89 -12.48 6.31
CA HIS D 62 -23.07 -11.10 5.88
C HIS D 62 -23.33 -10.18 7.06
N LYS D 63 -23.99 -10.69 8.09
CA LYS D 63 -24.20 -9.87 9.29
C LYS D 63 -22.93 -9.76 10.09
N ALA D 64 -22.18 -10.86 10.21
CA ALA D 64 -20.93 -10.80 10.95
C ALA D 64 -20.01 -9.71 10.41
N ARG D 65 -20.14 -9.38 9.13
CA ARG D 65 -19.17 -8.50 8.48
C ARG D 65 -19.72 -7.11 8.28
N GLU D 66 -20.87 -6.83 8.89
CA GLU D 66 -21.27 -5.44 9.11
C GLU D 66 -20.48 -4.79 10.23
N ARG D 67 -19.59 -5.51 10.91
CA ARG D 67 -18.62 -4.93 11.84
C ARG D 67 -17.37 -4.43 11.12
N THR E 8 -9.99 0.31 -6.34
CA THR E 8 -10.96 -0.76 -6.17
C THR E 8 -10.98 -1.73 -7.35
N ARG E 9 -11.81 -2.77 -7.22
CA ARG E 9 -11.91 -3.85 -8.19
C ARG E 9 -13.24 -3.78 -8.95
N TRP E 10 -13.19 -4.07 -10.25
CA TRP E 10 -14.40 -4.06 -11.05
C TRP E 10 -15.24 -5.29 -10.75
N THR E 11 -16.54 -5.08 -10.61
CA THR E 11 -17.50 -6.16 -10.35
C THR E 11 -18.61 -6.06 -11.39
N PRO E 12 -18.72 -7.00 -12.32
CA PRO E 12 -19.71 -6.86 -13.40
C PRO E 12 -21.15 -7.04 -12.94
N THR E 13 -22.02 -6.13 -13.41
CA THR E 13 -23.46 -6.26 -13.28
C THR E 13 -24.03 -7.39 -14.14
N THR E 14 -25.25 -7.82 -13.78
CA THR E 14 -25.99 -8.82 -14.55
C THR E 14 -26.03 -8.48 -16.03
N GLU E 15 -26.35 -7.22 -16.34
CA GLU E 15 -26.52 -6.80 -17.72
C GLU E 15 -25.19 -6.79 -18.49
N GLN E 16 -24.07 -6.55 -17.82
CA GLN E 16 -22.80 -6.57 -18.54
C GLN E 16 -22.36 -7.99 -18.85
N ILE E 17 -22.60 -8.93 -17.93
CA ILE E 17 -22.26 -10.32 -18.22
C ILE E 17 -23.02 -10.82 -19.45
N LYS E 18 -24.32 -10.51 -19.54
CA LYS E 18 -25.10 -11.03 -20.65
C LYS E 18 -24.57 -10.53 -22.00
N ILE E 19 -24.08 -9.28 -22.05
CA ILE E 19 -23.48 -8.77 -23.29
C ILE E 19 -22.17 -9.47 -23.61
N LEU E 20 -21.30 -9.58 -22.60
CA LEU E 20 -20.02 -10.22 -22.82
C LEU E 20 -20.21 -11.65 -23.33
N LYS E 21 -21.08 -12.42 -22.67
CA LYS E 21 -21.30 -13.78 -23.10
C LYS E 21 -21.81 -13.82 -24.55
N GLU E 22 -22.70 -12.89 -24.90
CA GLU E 22 -23.24 -12.87 -26.25
C GLU E 22 -22.17 -12.55 -27.26
N LEU E 23 -21.24 -11.67 -26.91
CA LEU E 23 -20.12 -11.41 -27.82
C LEU E 23 -19.20 -12.62 -27.93
N TYR E 24 -18.89 -13.24 -26.79
CA TYR E 24 -17.92 -14.32 -26.78
C TYR E 24 -18.46 -15.57 -27.46
N TYR E 25 -19.60 -16.08 -26.98
CA TYR E 25 -20.15 -17.33 -27.50
C TYR E 25 -20.98 -17.12 -28.76
N ASN E 26 -21.96 -16.22 -28.70
CA ASN E 26 -22.92 -16.06 -29.79
C ASN E 26 -22.29 -15.46 -31.04
N ASN E 27 -21.19 -14.73 -30.88
CA ASN E 27 -20.55 -14.08 -32.02
C ASN E 27 -19.09 -14.45 -32.20
N ALA E 28 -18.53 -15.32 -31.35
CA ALA E 28 -17.13 -15.74 -31.48
C ALA E 28 -16.13 -14.58 -31.42
N ILE E 29 -16.42 -13.54 -30.65
CA ILE E 29 -15.42 -12.53 -30.33
C ILE E 29 -14.70 -13.03 -29.10
N ARG E 30 -13.45 -13.40 -29.27
CA ARG E 30 -12.74 -14.04 -28.18
C ARG E 30 -11.41 -13.36 -27.98
N SER E 31 -10.88 -12.76 -29.03
CA SER E 31 -9.64 -11.99 -28.94
C SER E 31 -9.87 -10.60 -29.51
N PRO E 32 -10.74 -9.82 -28.88
CA PRO E 32 -11.16 -8.56 -29.49
C PRO E 32 -9.97 -7.65 -29.68
N THR E 33 -9.97 -6.92 -30.80
CA THR E 33 -8.91 -5.96 -31.05
C THR E 33 -9.09 -4.74 -30.16
N ALA E 34 -8.13 -3.82 -30.23
CA ALA E 34 -8.22 -2.62 -29.42
C ALA E 34 -9.47 -1.82 -29.78
N ASP E 35 -9.67 -1.57 -31.08
CA ASP E 35 -10.86 -0.85 -31.50
C ASP E 35 -12.12 -1.54 -31.00
N GLN E 36 -12.18 -2.87 -31.11
CA GLN E 36 -13.35 -3.57 -30.63
C GLN E 36 -13.49 -3.40 -29.12
N ILE E 37 -12.36 -3.44 -28.42
CA ILE E 37 -12.43 -3.27 -26.98
C ILE E 37 -13.02 -1.92 -26.62
N GLN E 38 -12.72 -0.89 -27.41
CA GLN E 38 -13.25 0.43 -27.08
C GLN E 38 -14.77 0.45 -27.19
N LYS E 39 -15.30 0.00 -28.32
CA LYS E 39 -16.75 -0.03 -28.50
C LYS E 39 -17.42 -0.94 -27.47
N ILE E 40 -16.82 -2.09 -27.16
CA ILE E 40 -17.45 -2.99 -26.20
C ILE E 40 -17.54 -2.31 -24.85
N THR E 41 -16.46 -1.67 -24.44
CA THR E 41 -16.47 -0.91 -23.20
C THR E 41 -17.54 0.18 -23.26
N ALA E 42 -17.54 0.97 -24.34
CA ALA E 42 -18.55 2.02 -24.52
C ALA E 42 -19.94 1.48 -24.25
N ARG E 43 -20.25 0.32 -24.85
CA ARG E 43 -21.56 -0.29 -24.64
C ARG E 43 -21.77 -0.59 -23.16
N LEU E 44 -20.76 -1.19 -22.51
CA LEU E 44 -20.96 -1.62 -21.14
C LEU E 44 -21.01 -0.45 -20.17
N ARG E 45 -20.41 0.68 -20.53
CA ARG E 45 -20.37 1.84 -19.63
C ARG E 45 -21.76 2.34 -19.30
N GLN E 46 -22.76 2.02 -20.14
CA GLN E 46 -24.16 2.38 -19.88
C GLN E 46 -24.66 1.86 -18.54
N PHE E 47 -24.07 0.79 -18.00
CA PHE E 47 -24.59 0.16 -16.80
C PHE E 47 -23.73 0.34 -15.56
N GLY E 48 -22.61 1.06 -15.66
CA GLY E 48 -21.73 1.31 -14.55
C GLY E 48 -20.38 1.79 -15.03
N LYS E 49 -19.60 2.33 -14.10
CA LYS E 49 -18.24 2.74 -14.46
C LYS E 49 -17.42 1.52 -14.88
N ILE E 50 -16.52 1.72 -15.83
CA ILE E 50 -15.74 0.64 -16.43
C ILE E 50 -14.73 1.24 -17.40
N GLU E 51 -13.59 0.59 -17.57
CA GLU E 51 -12.57 1.05 -18.50
C GLU E 51 -12.11 -0.10 -19.40
N GLY E 52 -11.70 0.27 -20.61
CA GLY E 52 -11.10 -0.64 -21.59
C GLY E 52 -10.29 -1.79 -21.03
N LYS E 53 -9.41 -1.51 -20.06
CA LYS E 53 -8.63 -2.60 -19.50
C LYS E 53 -9.51 -3.62 -18.78
N ASN E 54 -10.64 -3.21 -18.20
CA ASN E 54 -11.52 -4.19 -17.56
C ASN E 54 -11.97 -5.26 -18.56
N VAL E 55 -12.50 -4.81 -19.70
CA VAL E 55 -13.00 -5.77 -20.66
C VAL E 55 -11.84 -6.54 -21.29
N PHE E 56 -10.70 -5.87 -21.48
CA PHE E 56 -9.52 -6.55 -22.01
C PHE E 56 -9.15 -7.72 -21.09
N TYR E 57 -9.12 -7.46 -19.79
CA TYR E 57 -8.84 -8.50 -18.82
C TYR E 57 -9.92 -9.58 -18.88
N TRP E 58 -11.18 -9.18 -19.05
CA TRP E 58 -12.24 -10.16 -18.98
C TRP E 58 -12.13 -11.19 -20.10
N PHE E 59 -11.89 -10.73 -21.34
CA PHE E 59 -11.74 -11.67 -22.45
C PHE E 59 -10.46 -12.49 -22.30
N GLN E 60 -9.38 -11.85 -21.89
CA GLN E 60 -8.16 -12.60 -21.72
C GLN E 60 -8.37 -13.69 -20.66
N ASN E 61 -9.08 -13.37 -19.57
CA ASN E 61 -9.32 -14.35 -18.52
C ASN E 61 -10.35 -15.39 -18.93
N HIS E 62 -11.44 -14.95 -19.56
CA HIS E 62 -12.47 -15.93 -19.87
C HIS E 62 -12.00 -16.90 -20.95
N LYS E 63 -11.11 -16.44 -21.82
CA LYS E 63 -10.48 -17.31 -22.82
C LYS E 63 -9.64 -18.37 -22.14
N ALA E 64 -8.75 -17.97 -21.24
CA ALA E 64 -7.86 -18.95 -20.65
C ALA E 64 -8.63 -19.96 -19.80
N ARG E 65 -9.63 -19.50 -19.05
CA ARG E 65 -10.37 -20.37 -18.15
C ARG E 65 -11.43 -21.20 -18.83
N GLU E 66 -11.51 -21.21 -20.17
CA GLU E 66 -12.24 -22.31 -20.83
C GLU E 66 -11.43 -23.60 -20.79
N ARG E 67 -10.11 -23.50 -20.69
CA ARG E 67 -9.32 -24.71 -20.57
C ARG E 67 -8.39 -24.65 -19.37
#